data_6JSB
#
_entry.id   6JSB
#
_cell.length_a   235.170
_cell.length_b   33.730
_cell.length_c   126.620
_cell.angle_alpha   90.00
_cell.angle_beta   121.14
_cell.angle_gamma   90.00
#
_symmetry.space_group_name_H-M   'C 1 2 1'
#
loop_
_entity.id
_entity.type
_entity.pdbx_description
1 polymer 'Hypothetical membrane protein'
2 non-polymer 'PROTOPORPHYRIN IX CONTAINING FE'
3 non-polymer 'CALCIUM ION'
4 water water
#
_entity_poly.entity_id   1
_entity_poly.type   'polypeptide(L)'
_entity_poly.pdbx_seq_one_letter_code
;MKCRVVTTTGTADWSVRESFNNYLEGPIANGAAYKYHGGIEVRDGVETTGTKSAREFTWPVLGSEEGAVKLGGGVHWTGH
NHYSGDDESQAPDNFILDLDFSNPTVKFDGNEGTLLVDFKSREFVDTKTVADFLTGTQAELATITFDEPIDLTQENVTVT
GQTKLTATGVDVMGTFYPEGEALAPITLNLTNEVVLEHHHHHH
;
_entity_poly.pdbx_strand_id   A,B
#
# COMPACT_ATOMS: atom_id res chain seq x y z
N MET A 1 2.09 -9.27 -0.26
CA MET A 1 2.07 -7.86 -0.63
C MET A 1 1.83 -6.99 0.60
N LYS A 2 1.97 -5.67 0.45
CA LYS A 2 1.79 -4.73 1.55
C LYS A 2 0.55 -3.90 1.26
N CYS A 3 -0.41 -3.89 2.18
CA CYS A 3 -1.67 -3.20 1.95
C CYS A 3 -1.88 -2.16 3.03
N ARG A 4 -2.56 -1.08 2.66
CA ARG A 4 -2.86 0.02 3.57
CA ARG A 4 -2.86 0.01 3.58
C ARG A 4 -4.37 0.15 3.68
N VAL A 5 -4.90 0.11 4.91
CA VAL A 5 -6.31 0.31 5.17
C VAL A 5 -6.43 1.62 5.93
N VAL A 6 -7.31 2.53 5.49
CA VAL A 6 -7.51 3.81 6.16
C VAL A 6 -8.96 3.88 6.59
N THR A 7 -9.20 4.00 7.89
CA THR A 7 -10.54 4.17 8.46
C THR A 7 -10.62 5.62 8.91
N THR A 8 -11.59 6.35 8.36
CA THR A 8 -11.71 7.79 8.63
C THR A 8 -13.00 8.05 9.40
N THR A 9 -12.90 8.80 10.51
CA THR A 9 -14.05 9.22 11.30
C THR A 9 -13.95 10.73 11.49
N GLY A 10 -15.01 11.30 12.03
CA GLY A 10 -14.97 12.71 12.41
C GLY A 10 -16.21 13.47 11.95
N THR A 11 -16.03 14.77 11.69
CA THR A 11 -17.18 15.61 11.30
C THR A 11 -16.70 16.60 10.26
N ALA A 12 -17.65 17.19 9.55
CA ALA A 12 -17.40 18.38 8.73
C ALA A 12 -18.29 19.49 9.28
N ASP A 13 -17.72 20.68 9.43
N ASP A 13 -17.71 20.65 9.45
CA ASP A 13 -18.47 21.88 9.81
CA ASP A 13 -18.47 21.85 9.75
C ASP A 13 -18.79 22.64 8.55
C ASP A 13 -18.80 22.49 8.43
N TRP A 14 -20.08 22.77 8.20
CA TRP A 14 -20.46 23.48 6.96
C TRP A 14 -21.84 24.10 7.18
N SER A 15 -21.90 25.45 7.26
CA SER A 15 -23.17 26.13 7.53
C SER A 15 -24.03 26.34 6.29
N VAL A 16 -23.57 25.88 5.12
CA VAL A 16 -24.19 26.01 3.81
C VAL A 16 -24.04 27.45 3.31
N ARG A 17 -24.70 28.41 3.97
CA ARG A 17 -24.47 29.83 3.75
C ARG A 17 -25.16 30.62 4.86
N GLU A 18 -24.40 31.42 5.66
CA GLU A 18 -25.05 32.07 6.81
C GLU A 18 -26.17 32.99 6.38
N SER A 19 -25.97 33.75 5.28
CA SER A 19 -27.00 34.71 4.91
C SER A 19 -28.24 34.00 4.38
N PHE A 20 -28.07 32.73 3.94
CA PHE A 20 -29.24 31.97 3.47
C PHE A 20 -30.06 31.54 4.68
N ASN A 21 -29.38 31.03 5.71
CA ASN A 21 -30.12 30.65 6.93
C ASN A 21 -30.77 31.86 7.57
N ASN A 22 -30.07 32.98 7.59
CA ASN A 22 -30.66 34.24 8.11
C ASN A 22 -31.93 34.63 7.35
N TYR A 23 -31.88 34.53 6.01
CA TYR A 23 -33.05 34.87 5.21
C TYR A 23 -34.17 33.84 5.41
N LEU A 24 -33.84 32.56 5.39
CA LEU A 24 -34.88 31.52 5.43
C LEU A 24 -35.62 31.54 6.76
N GLU A 25 -34.91 31.73 7.87
CA GLU A 25 -35.58 31.75 9.18
C GLU A 25 -36.14 33.11 9.52
N GLY A 26 -35.95 34.11 8.66
CA GLY A 26 -36.37 35.49 8.91
C GLY A 26 -37.73 35.85 8.36
N PRO A 27 -38.06 37.16 8.43
CA PRO A 27 -39.42 37.63 8.11
C PRO A 27 -39.76 37.67 6.64
N ILE A 28 -38.79 37.54 5.74
CA ILE A 28 -39.13 37.53 4.33
C ILE A 28 -39.67 36.17 3.93
N ALA A 29 -38.94 35.09 4.29
CA ALA A 29 -39.39 33.74 3.92
C ALA A 29 -40.42 33.17 4.91
N ASN A 30 -40.43 33.64 6.15
CA ASN A 30 -41.25 32.99 7.17
C ASN A 30 -41.76 34.04 8.16
N GLY A 31 -42.30 35.14 7.62
CA GLY A 31 -42.91 36.20 8.44
C GLY A 31 -44.39 36.41 8.21
N ALA A 32 -44.83 37.67 8.35
CA ALA A 32 -46.26 37.95 8.45
C ALA A 32 -47.00 37.81 7.13
N ALA A 33 -46.32 37.73 6.01
CA ALA A 33 -47.03 37.45 4.77
C ALA A 33 -47.59 36.02 4.71
N TYR A 34 -47.12 35.09 5.55
CA TYR A 34 -47.46 33.68 5.42
C TYR A 34 -48.19 33.16 6.65
N LYS A 35 -49.34 32.48 6.41
CA LYS A 35 -50.11 31.88 7.50
C LYS A 35 -49.35 30.75 8.18
N TYR A 36 -48.68 29.90 7.39
CA TYR A 36 -47.96 28.74 7.89
C TYR A 36 -46.46 28.97 7.70
N HIS A 37 -45.68 28.62 8.70
CA HIS A 37 -44.25 28.88 8.65
C HIS A 37 -43.49 27.58 8.64
N GLY A 38 -42.32 27.62 8.01
CA GLY A 38 -41.45 26.48 8.01
C GLY A 38 -40.20 26.75 8.83
N GLY A 39 -39.05 26.44 8.31
CA GLY A 39 -37.84 26.66 9.08
C GLY A 39 -36.85 25.59 8.67
N ILE A 40 -36.00 25.18 9.62
CA ILE A 40 -34.93 24.24 9.33
C ILE A 40 -35.08 22.99 10.20
N GLU A 41 -34.95 21.80 9.60
N GLU A 41 -35.03 21.81 9.60
CA GLU A 41 -35.03 20.53 10.32
CA GLU A 41 -35.01 20.54 10.31
C GLU A 41 -33.88 19.61 9.89
C GLU A 41 -33.77 19.77 9.89
N VAL A 42 -33.12 19.11 10.85
CA VAL A 42 -31.92 18.32 10.53
C VAL A 42 -32.19 16.85 10.89
N ARG A 43 -31.41 15.93 10.30
CA ARG A 43 -31.65 14.52 10.52
C ARG A 43 -30.36 13.73 10.27
N ASP A 44 -30.44 12.44 10.66
CA ASP A 44 -29.46 11.44 10.28
C ASP A 44 -28.04 11.83 10.70
N GLY A 45 -27.94 12.42 11.88
CA GLY A 45 -26.61 12.62 12.45
C GLY A 45 -26.13 14.05 12.38
N VAL A 46 -26.80 14.92 11.62
CA VAL A 46 -26.42 16.34 11.65
C VAL A 46 -26.70 16.87 13.04
N GLU A 47 -25.78 17.67 13.57
CA GLU A 47 -26.03 18.47 14.75
C GLU A 47 -26.06 19.95 14.37
N THR A 48 -26.89 20.72 15.08
CA THR A 48 -26.98 22.12 14.69
C THR A 48 -27.10 22.94 15.96
N THR A 49 -26.56 24.14 15.92
CA THR A 49 -26.71 25.09 17.03
C THR A 49 -26.92 26.46 16.43
N GLY A 50 -27.56 27.34 17.20
CA GLY A 50 -27.80 28.69 16.74
C GLY A 50 -28.94 28.77 15.73
N THR A 51 -29.30 30.02 15.38
CA THR A 51 -30.30 30.28 14.33
C THR A 51 -29.81 31.42 13.46
N LYS A 52 -30.37 31.50 12.25
CA LYS A 52 -30.13 32.64 11.34
C LYS A 52 -28.64 32.71 11.03
N SER A 53 -28.01 33.90 11.07
CA SER A 53 -26.60 33.98 10.66
C SER A 53 -25.70 33.24 11.63
N ALA A 54 -26.19 32.93 12.83
CA ALA A 54 -25.36 32.21 13.79
C ALA A 54 -25.47 30.71 13.69
N ARG A 55 -26.35 30.21 12.83
CA ARG A 55 -26.57 28.78 12.82
C ARG A 55 -25.35 28.07 12.24
N GLU A 56 -25.05 26.94 12.86
CA GLU A 56 -23.95 26.06 12.38
C GLU A 56 -24.48 24.66 12.19
N PHE A 57 -23.87 23.90 11.25
CA PHE A 57 -24.21 22.50 11.12
C PHE A 57 -22.94 21.67 11.18
N THR A 58 -22.98 20.54 11.90
CA THR A 58 -21.88 19.57 11.76
C THR A 58 -22.46 18.34 11.09
N TRP A 59 -21.73 17.76 10.16
CA TRP A 59 -22.17 16.63 9.39
C TRP A 59 -21.28 15.44 9.74
N PRO A 60 -21.84 14.26 10.00
CA PRO A 60 -21.02 13.15 10.46
C PRO A 60 -20.25 12.51 9.32
N VAL A 61 -18.98 12.18 9.56
CA VAL A 61 -18.20 11.42 8.57
C VAL A 61 -18.59 9.96 8.62
N LEU A 62 -18.94 9.41 7.46
CA LEU A 62 -19.20 7.97 7.33
C LEU A 62 -17.93 7.17 7.06
N GLY A 63 -16.99 7.75 6.32
CA GLY A 63 -15.74 7.07 5.98
C GLY A 63 -15.08 7.76 4.81
N SER A 64 -13.98 7.17 4.37
CA SER A 64 -13.28 7.73 3.23
C SER A 64 -13.01 6.64 2.20
N GLU A 65 -12.70 7.08 0.99
N GLU A 65 -12.73 7.09 0.98
CA GLU A 65 -12.13 6.23 -0.05
CA GLU A 65 -12.22 6.28 -0.13
C GLU A 65 -11.06 7.04 -0.74
C GLU A 65 -11.05 7.04 -0.71
N GLU A 66 -10.31 6.43 -1.65
CA GLU A 66 -9.29 7.21 -2.33
C GLU A 66 -9.94 8.46 -2.96
N GLY A 67 -9.49 9.64 -2.56
CA GLY A 67 -10.01 10.87 -3.13
C GLY A 67 -11.38 11.32 -2.67
N ALA A 68 -11.93 10.76 -1.58
CA ALA A 68 -13.23 11.28 -1.13
C ALA A 68 -13.46 11.05 0.35
N VAL A 69 -14.12 12.02 1.01
CA VAL A 69 -14.63 11.82 2.37
C VAL A 69 -16.14 11.82 2.24
N LYS A 70 -16.79 10.75 2.68
CA LYS A 70 -18.24 10.55 2.56
C LYS A 70 -18.87 11.02 3.86
N LEU A 71 -19.81 11.95 3.77
N LEU A 71 -19.85 11.89 3.77
CA LEU A 71 -20.58 12.42 4.93
CA LEU A 71 -20.55 12.34 4.97
C LEU A 71 -22.00 11.86 4.89
C LEU A 71 -22.04 12.00 4.89
N GLY A 72 -22.64 11.81 6.05
CA GLY A 72 -24.05 11.48 6.15
C GLY A 72 -24.80 12.70 6.63
N GLY A 73 -26.12 12.54 6.80
CA GLY A 73 -26.91 13.61 7.39
C GLY A 73 -27.77 14.33 6.34
N GLY A 74 -28.80 15.01 6.84
CA GLY A 74 -29.70 15.75 5.97
C GLY A 74 -30.13 17.03 6.64
N VAL A 75 -30.37 18.06 5.82
CA VAL A 75 -30.95 19.33 6.30
C VAL A 75 -32.07 19.73 5.35
N HIS A 76 -33.20 20.20 5.91
CA HIS A 76 -34.39 20.54 5.11
C HIS A 76 -34.77 21.97 5.45
N TRP A 77 -34.85 22.84 4.45
CA TRP A 77 -35.31 24.22 4.66
C TRP A 77 -36.67 24.42 3.99
N THR A 78 -37.58 25.14 4.66
CA THR A 78 -38.90 25.38 4.07
C THR A 78 -39.30 26.82 4.36
N GLY A 79 -39.81 27.50 3.34
CA GLY A 79 -40.35 28.84 3.52
C GLY A 79 -41.31 29.24 2.38
N HIS A 80 -41.87 30.45 2.50
CA HIS A 80 -42.79 30.98 1.49
C HIS A 80 -43.96 30.02 1.26
N ASN A 81 -44.68 29.73 2.33
CA ASN A 81 -45.82 28.82 2.20
C ASN A 81 -47.00 29.46 1.51
N HIS A 82 -47.43 28.86 0.41
CA HIS A 82 -48.44 29.43 -0.48
C HIS A 82 -49.86 29.13 -0.01
N TYR A 83 -50.02 28.31 1.04
CA TYR A 83 -51.36 27.84 1.43
C TYR A 83 -51.89 28.67 2.59
N SER A 84 -53.16 29.12 2.48
CA SER A 84 -53.70 29.96 3.55
C SER A 84 -55.06 29.46 4.03
N GLY A 85 -55.40 28.22 3.72
CA GLY A 85 -56.59 27.57 4.26
C GLY A 85 -56.40 27.17 5.72
N ASP A 86 -57.37 26.43 6.25
CA ASP A 86 -57.42 26.07 7.67
C ASP A 86 -57.04 24.63 7.91
N ASP A 87 -56.65 23.90 6.86
CA ASP A 87 -56.24 22.50 6.97
C ASP A 87 -54.73 22.42 7.13
N GLU A 88 -54.26 22.30 8.37
N GLU A 88 -54.26 22.30 8.37
CA GLU A 88 -52.81 22.35 8.56
CA GLU A 88 -52.81 22.37 8.50
C GLU A 88 -52.09 21.21 7.86
C GLU A 88 -52.08 21.18 7.89
N SER A 89 -52.78 20.09 7.58
CA SER A 89 -52.10 18.99 6.94
C SER A 89 -51.75 19.28 5.48
N GLN A 90 -52.32 20.33 4.89
N GLN A 90 -52.27 20.34 4.89
CA GLN A 90 -51.91 20.78 3.56
CA GLN A 90 -51.82 20.70 3.56
C GLN A 90 -50.59 21.54 3.58
C GLN A 90 -50.66 21.67 3.52
N ALA A 91 -50.27 22.23 4.67
CA ALA A 91 -49.12 23.12 4.66
C ALA A 91 -47.83 22.47 4.18
N PRO A 92 -47.48 21.22 4.54
CA PRO A 92 -46.19 20.70 4.15
C PRO A 92 -45.99 20.58 2.65
N ASP A 93 -47.09 20.52 1.90
CA ASP A 93 -47.05 20.38 0.44
C ASP A 93 -47.05 21.72 -0.29
N ASN A 94 -46.98 22.84 0.45
CA ASN A 94 -47.19 24.12 -0.21
C ASN A 94 -46.09 25.15 0.06
N PHE A 95 -44.89 24.72 0.48
CA PHE A 95 -43.79 25.67 0.63
C PHE A 95 -43.18 25.96 -0.74
N ILE A 96 -43.24 27.22 -1.17
CA ILE A 96 -42.62 27.54 -2.47
C ILE A 96 -41.13 27.30 -2.46
N LEU A 97 -40.46 27.62 -1.35
CA LEU A 97 -39.05 27.31 -1.15
C LEU A 97 -39.02 26.03 -0.33
N ASP A 98 -38.51 24.95 -0.93
CA ASP A 98 -38.49 23.67 -0.23
C ASP A 98 -37.24 22.94 -0.71
N LEU A 99 -36.23 22.95 0.13
CA LEU A 99 -34.85 22.57 -0.26
C LEU A 99 -34.31 21.53 0.73
N ASP A 100 -33.68 20.48 0.22
CA ASP A 100 -33.14 19.45 1.08
C ASP A 100 -31.78 19.07 0.57
N PHE A 101 -30.74 19.08 1.43
CA PHE A 101 -29.41 18.59 1.09
C PHE A 101 -29.11 17.40 1.97
N SER A 102 -28.57 16.32 1.38
CA SER A 102 -28.25 15.19 2.25
C SER A 102 -27.04 14.44 1.70
N ASN A 103 -26.40 13.64 2.57
CA ASN A 103 -25.24 12.84 2.20
C ASN A 103 -24.15 13.57 1.39
N PRO A 104 -23.64 14.67 1.89
CA PRO A 104 -22.57 15.35 1.13
C PRO A 104 -21.32 14.50 1.04
N THR A 105 -20.63 14.65 -0.08
CA THR A 105 -19.36 13.98 -0.28
C THR A 105 -18.34 15.05 -0.64
N VAL A 106 -17.15 15.01 -0.01
CA VAL A 106 -16.07 15.92 -0.38
C VAL A 106 -15.08 15.14 -1.25
N LYS A 107 -15.09 15.39 -2.56
CA LYS A 107 -14.07 14.80 -3.44
C LYS A 107 -12.87 15.73 -3.38
N PHE A 108 -11.66 15.16 -3.41
CA PHE A 108 -10.50 16.03 -3.33
C PHE A 108 -9.35 15.45 -4.16
N ASP A 109 -8.47 16.36 -4.54
CA ASP A 109 -7.21 16.03 -5.22
C ASP A 109 -6.25 17.13 -4.79
N GLY A 110 -5.39 16.82 -3.83
CA GLY A 110 -4.43 17.83 -3.36
C GLY A 110 -5.24 18.87 -2.59
N ASN A 111 -5.09 20.15 -2.96
CA ASN A 111 -5.80 21.22 -2.25
C ASN A 111 -7.04 21.69 -2.99
N GLU A 112 -7.51 20.89 -3.97
CA GLU A 112 -8.76 21.24 -4.67
C GLU A 112 -9.79 20.18 -4.37
N GLY A 113 -11.06 20.59 -4.39
CA GLY A 113 -12.08 19.58 -4.20
C GLY A 113 -13.41 19.99 -4.81
N THR A 114 -14.38 19.10 -4.62
CA THR A 114 -15.75 19.31 -5.15
C THR A 114 -16.67 18.82 -4.06
N LEU A 115 -17.72 19.59 -3.81
CA LEU A 115 -18.72 19.20 -2.80
C LEU A 115 -19.90 18.61 -3.58
N LEU A 116 -20.14 17.30 -3.42
CA LEU A 116 -21.28 16.61 -4.01
C LEU A 116 -22.39 16.51 -2.98
N VAL A 117 -23.64 16.60 -3.42
CA VAL A 117 -24.74 16.48 -2.45
CA VAL A 117 -24.76 16.53 -2.47
C VAL A 117 -25.92 15.83 -3.15
N ASP A 118 -26.72 15.09 -2.36
CA ASP A 118 -28.04 14.69 -2.82
C ASP A 118 -28.99 15.85 -2.55
N PHE A 119 -29.71 16.30 -3.58
CA PHE A 119 -30.57 17.49 -3.36
C PHE A 119 -31.96 17.25 -3.90
N LYS A 120 -32.91 17.95 -3.25
CA LYS A 120 -34.28 17.97 -3.73
C LYS A 120 -34.74 19.40 -3.46
N SER A 121 -35.02 20.17 -4.50
CA SER A 121 -35.31 21.59 -4.32
C SER A 121 -36.39 22.02 -5.31
N ARG A 122 -37.45 22.70 -4.85
CA ARG A 122 -38.39 23.23 -5.83
C ARG A 122 -37.72 24.30 -6.70
N GLU A 123 -37.96 24.20 -8.01
CA GLU A 123 -37.54 25.25 -8.94
C GLU A 123 -38.17 26.59 -8.58
N PHE A 124 -37.41 27.68 -8.69
CA PHE A 124 -38.03 29.00 -8.60
C PHE A 124 -38.65 29.33 -9.95
N VAL A 125 -39.98 29.48 -9.97
CA VAL A 125 -40.69 29.86 -11.19
C VAL A 125 -41.15 31.31 -11.02
N ASP A 126 -41.97 31.57 -10.01
CA ASP A 126 -42.37 32.92 -9.64
C ASP A 126 -42.90 32.84 -8.23
N THR A 127 -43.35 33.98 -7.71
CA THR A 127 -43.68 34.03 -6.29
C THR A 127 -45.06 33.50 -5.98
N LYS A 128 -45.79 32.99 -6.97
CA LYS A 128 -47.14 32.48 -6.77
C LYS A 128 -47.28 31.03 -7.24
N THR A 129 -46.17 30.32 -7.38
CA THR A 129 -46.17 28.95 -7.90
C THR A 129 -45.42 28.05 -6.93
N VAL A 130 -46.04 26.91 -6.59
CA VAL A 130 -45.37 25.83 -5.83
C VAL A 130 -44.80 24.86 -6.87
N ALA A 131 -43.58 25.10 -7.29
CA ALA A 131 -43.13 24.35 -8.48
C ALA A 131 -42.59 22.93 -8.15
N ASP A 132 -42.47 22.11 -9.19
CA ASP A 132 -42.02 20.74 -9.00
C ASP A 132 -40.57 20.71 -8.49
N PHE A 133 -40.25 19.67 -7.74
CA PHE A 133 -38.88 19.49 -7.28
C PHE A 133 -37.88 19.17 -8.41
N LEU A 134 -36.73 19.86 -8.38
CA LEU A 134 -35.52 19.45 -9.08
C LEU A 134 -34.78 18.49 -8.14
N THR A 135 -34.20 17.42 -8.69
CA THR A 135 -33.51 16.48 -7.83
C THR A 135 -32.18 16.09 -8.48
N GLY A 136 -31.26 15.66 -7.63
CA GLY A 136 -29.98 15.14 -8.07
C GLY A 136 -29.37 14.26 -7.02
N THR A 137 -28.68 13.21 -7.45
CA THR A 137 -27.96 12.34 -6.54
C THR A 137 -26.47 12.59 -6.70
N GLN A 138 -25.80 12.96 -5.60
CA GLN A 138 -24.35 13.29 -5.61
C GLN A 138 -24.03 14.27 -6.73
N ALA A 139 -24.84 15.33 -6.78
CA ALA A 139 -24.62 16.36 -7.77
C ALA A 139 -23.53 17.34 -7.31
N GLU A 140 -22.81 17.95 -8.27
CA GLU A 140 -21.74 18.92 -7.90
C GLU A 140 -22.38 20.26 -7.54
N LEU A 141 -22.39 20.58 -6.24
CA LEU A 141 -22.97 21.82 -5.76
C LEU A 141 -21.93 22.93 -5.72
N ALA A 142 -20.69 22.61 -5.37
CA ALA A 142 -19.70 23.66 -5.18
C ALA A 142 -18.33 23.13 -5.51
N THR A 143 -17.42 24.03 -5.92
CA THR A 143 -16.00 23.70 -5.99
C THR A 143 -15.33 24.20 -4.72
N ILE A 144 -14.19 23.59 -4.38
CA ILE A 144 -13.55 23.87 -3.08
C ILE A 144 -12.08 24.12 -3.30
N THR A 145 -11.54 25.10 -2.58
N THR A 145 -11.52 25.10 -2.55
CA THR A 145 -10.10 25.27 -2.48
CA THR A 145 -10.08 25.31 -2.49
C THR A 145 -9.75 25.14 -1.00
C THR A 145 -9.64 25.23 -1.02
N PHE A 146 -8.85 24.23 -0.69
CA PHE A 146 -8.45 24.00 0.70
C PHE A 146 -7.19 24.79 1.05
N ASP A 147 -6.99 24.99 2.39
CA ASP A 147 -5.81 25.72 2.85
C ASP A 147 -4.57 24.85 2.91
N GLU A 148 -4.70 23.56 2.59
CA GLU A 148 -3.55 22.68 2.45
C GLU A 148 -4.00 21.46 1.69
N PRO A 149 -3.10 20.73 1.07
CA PRO A 149 -3.54 19.47 0.42
C PRO A 149 -4.10 18.47 1.43
N ILE A 150 -5.12 17.73 1.02
CA ILE A 150 -5.76 16.71 1.86
CA ILE A 150 -5.73 16.74 1.91
C ILE A 150 -4.94 15.43 1.81
N ASP A 151 -4.42 15.00 2.97
CA ASP A 151 -3.58 13.81 3.07
C ASP A 151 -4.19 12.88 4.13
N LEU A 152 -4.96 11.88 3.69
CA LEU A 152 -5.65 11.03 4.68
C LEU A 152 -4.73 9.98 5.30
N THR A 153 -3.44 10.01 5.01
CA THR A 153 -2.51 9.16 5.75
C THR A 153 -2.02 9.86 7.00
N GLN A 154 -2.35 11.14 7.15
CA GLN A 154 -2.08 11.82 8.42
C GLN A 154 -3.18 11.49 9.42
N GLU A 155 -2.79 11.21 10.66
CA GLU A 155 -3.79 10.72 11.62
C GLU A 155 -4.82 11.77 11.97
N ASN A 156 -4.39 13.02 12.17
CA ASN A 156 -5.30 14.06 12.65
C ASN A 156 -5.28 15.19 11.64
N VAL A 157 -6.42 15.46 11.03
CA VAL A 157 -6.51 16.43 9.95
C VAL A 157 -7.57 17.46 10.33
N THR A 158 -7.19 18.75 10.35
CA THR A 158 -8.18 19.84 10.45
C THR A 158 -7.84 20.79 9.31
N VAL A 159 -8.70 20.84 8.29
N VAL A 159 -8.69 20.85 8.27
CA VAL A 159 -8.42 21.63 7.10
CA VAL A 159 -8.38 21.62 7.08
C VAL A 159 -9.71 22.37 6.76
C VAL A 159 -9.67 22.32 6.65
N THR A 160 -9.59 23.61 6.26
CA THR A 160 -10.75 24.36 5.82
C THR A 160 -10.64 24.71 4.35
N GLY A 161 -11.76 24.60 3.67
CA GLY A 161 -11.84 24.99 2.25
C GLY A 161 -12.90 26.05 1.98
N GLN A 162 -12.62 26.90 0.99
N GLN A 162 -12.56 27.00 1.08
CA GLN A 162 -13.54 27.94 0.56
CA GLN A 162 -13.53 27.97 0.57
C GLN A 162 -14.31 27.40 -0.62
C GLN A 162 -14.35 27.25 -0.49
N THR A 163 -15.65 27.59 -0.59
CA THR A 163 -16.57 26.96 -1.54
C THR A 163 -17.16 28.01 -2.47
N LYS A 164 -17.39 27.59 -3.72
CA LYS A 164 -18.03 28.45 -4.73
C LYS A 164 -19.08 27.64 -5.48
N LEU A 165 -20.26 28.22 -5.64
CA LEU A 165 -21.40 27.55 -6.27
C LEU A 165 -21.09 27.22 -7.73
N THR A 166 -21.49 26.02 -8.13
CA THR A 166 -21.38 25.64 -9.53
C THR A 166 -22.60 26.09 -10.35
N ALA A 167 -22.47 25.94 -11.67
CA ALA A 167 -23.65 26.16 -12.52
C ALA A 167 -24.81 25.25 -12.14
N THR A 168 -24.54 24.00 -11.75
CA THR A 168 -25.63 23.14 -11.27
C THR A 168 -26.27 23.72 -10.04
N GLY A 169 -25.44 24.22 -9.13
CA GLY A 169 -25.95 24.76 -7.86
C GLY A 169 -26.78 26.01 -8.05
N VAL A 170 -26.55 26.75 -9.13
CA VAL A 170 -27.34 27.95 -9.40
C VAL A 170 -28.84 27.62 -9.44
N ASP A 171 -29.23 26.55 -10.16
CA ASP A 171 -30.63 26.20 -10.22
C ASP A 171 -31.17 25.64 -8.92
N VAL A 172 -30.32 24.98 -8.12
CA VAL A 172 -30.75 24.43 -6.85
C VAL A 172 -31.19 25.56 -5.91
N MET A 173 -30.47 26.68 -5.94
CA MET A 173 -30.73 27.81 -5.05
C MET A 173 -31.62 28.88 -5.71
N GLY A 174 -32.53 28.45 -6.60
CA GLY A 174 -33.58 29.35 -7.10
C GLY A 174 -33.10 30.42 -8.07
N THR A 175 -31.87 30.31 -8.57
CA THR A 175 -31.17 31.31 -9.39
C THR A 175 -30.89 32.63 -8.63
N PHE A 176 -31.07 32.66 -7.30
CA PHE A 176 -30.76 33.87 -6.60
C PHE A 176 -29.27 34.13 -6.45
N TYR A 177 -28.40 33.09 -6.52
CA TYR A 177 -26.96 33.31 -6.51
C TYR A 177 -26.40 33.12 -7.93
N PRO A 178 -25.41 33.91 -8.34
CA PRO A 178 -24.72 33.61 -9.61
C PRO A 178 -23.77 32.44 -9.49
N GLU A 179 -23.44 31.85 -10.67
CA GLU A 179 -22.36 30.88 -10.68
C GLU A 179 -21.09 31.52 -10.11
N GLY A 180 -20.37 30.75 -9.31
CA GLY A 180 -19.16 31.24 -8.65
C GLY A 180 -19.43 31.91 -7.29
N GLU A 181 -20.69 32.04 -6.89
CA GLU A 181 -20.98 32.71 -5.60
C GLU A 181 -20.33 31.94 -4.44
N ALA A 182 -19.70 32.68 -3.50
CA ALA A 182 -19.11 31.99 -2.38
C ALA A 182 -20.20 31.41 -1.49
N LEU A 183 -20.00 30.19 -1.03
CA LEU A 183 -20.89 29.62 -0.01
C LEU A 183 -20.12 29.58 1.31
N ALA A 184 -20.74 28.96 2.30
CA ALA A 184 -20.04 28.86 3.59
C ALA A 184 -18.79 27.99 3.44
N PRO A 185 -17.73 28.28 4.17
CA PRO A 185 -16.54 27.42 4.11
C PRO A 185 -16.81 26.10 4.78
N ILE A 186 -16.07 25.04 4.38
CA ILE A 186 -16.26 23.70 4.96
C ILE A 186 -14.98 23.33 5.72
N THR A 187 -15.11 22.89 6.97
CA THR A 187 -13.95 22.46 7.75
C THR A 187 -14.06 20.95 7.93
N LEU A 188 -13.00 20.23 7.62
CA LEU A 188 -12.97 18.78 7.84
C LEU A 188 -12.20 18.53 9.11
N ASN A 189 -12.83 17.83 10.08
CA ASN A 189 -12.18 17.50 11.37
C ASN A 189 -12.06 15.96 11.34
N LEU A 190 -10.94 15.43 10.89
CA LEU A 190 -10.90 14.00 10.56
C LEU A 190 -9.90 13.30 11.47
N THR A 191 -10.17 12.04 11.79
CA THR A 191 -9.21 11.13 12.40
C THR A 191 -9.07 9.98 11.41
N ASN A 192 -7.83 9.70 10.98
CA ASN A 192 -7.56 8.68 9.97
C ASN A 192 -6.74 7.60 10.64
N GLU A 193 -7.33 6.41 10.80
CA GLU A 193 -6.61 5.27 11.39
C GLU A 193 -6.00 4.47 10.25
N VAL A 194 -4.66 4.47 10.15
CA VAL A 194 -3.94 3.88 9.03
C VAL A 194 -3.31 2.59 9.51
N VAL A 195 -3.63 1.48 8.84
CA VAL A 195 -3.18 0.15 9.24
C VAL A 195 -2.47 -0.46 8.05
N LEU A 196 -1.24 -0.95 8.27
CA LEU A 196 -0.49 -1.62 7.22
C LEU A 196 -0.54 -3.11 7.48
N GLU A 197 -0.86 -3.87 6.44
CA GLU A 197 -0.96 -5.32 6.53
C GLU A 197 -0.08 -5.94 5.46
N HIS A 198 0.78 -6.88 5.87
CA HIS A 198 1.44 -7.79 4.93
C HIS A 198 0.51 -8.97 4.74
N HIS A 199 -0.25 -8.97 3.65
CA HIS A 199 -1.32 -9.95 3.45
C HIS A 199 -1.83 -9.95 2.02
N MET B 1 -8.80 0.06 0.32
CA MET B 1 -7.56 -0.68 0.53
C MET B 1 -6.66 -0.58 -0.70
N LYS B 2 -5.43 -0.13 -0.51
CA LYS B 2 -4.45 -0.01 -1.58
C LYS B 2 -3.28 -0.93 -1.25
N CYS B 3 -2.82 -1.70 -2.22
CA CYS B 3 -1.76 -2.67 -1.99
C CYS B 3 -0.62 -2.46 -2.97
N ARG B 4 0.59 -2.73 -2.52
CA ARG B 4 1.75 -2.59 -3.37
C ARG B 4 2.34 -3.98 -3.56
N VAL B 5 2.46 -4.39 -4.81
CA VAL B 5 2.95 -5.71 -5.19
C VAL B 5 4.30 -5.48 -5.87
N VAL B 6 5.34 -6.17 -5.41
CA VAL B 6 6.65 -6.10 -6.07
C VAL B 6 6.96 -7.49 -6.58
N THR B 7 7.04 -7.63 -7.90
CA THR B 7 7.42 -8.89 -8.55
C THR B 7 8.88 -8.76 -8.96
N THR B 8 9.74 -9.58 -8.38
CA THR B 8 11.18 -9.49 -8.63
C THR B 8 11.60 -10.74 -9.38
N THR B 9 12.33 -10.53 -10.49
CA THR B 9 12.84 -11.63 -11.31
C THR B 9 14.31 -11.40 -11.59
N GLY B 10 14.97 -12.45 -12.06
CA GLY B 10 16.36 -12.26 -12.50
C GLY B 10 17.25 -13.38 -12.03
N THR B 11 18.54 -13.07 -11.78
CA THR B 11 19.51 -14.09 -11.42
C THR B 11 20.45 -13.50 -10.37
N ALA B 12 21.10 -14.38 -9.62
CA ALA B 12 22.28 -14.02 -8.84
C ALA B 12 23.47 -14.76 -9.42
N ASP B 13 24.55 -14.03 -9.65
N ASP B 13 24.59 -14.05 -9.64
CA ASP B 13 25.82 -14.67 -9.97
CA ASP B 13 25.84 -14.70 -10.02
C ASP B 13 26.54 -14.95 -8.66
C ASP B 13 26.68 -14.93 -8.78
N TRP B 14 26.99 -16.19 -8.45
CA TRP B 14 27.74 -16.46 -7.19
C TRP B 14 28.48 -17.77 -7.42
N SER B 15 29.83 -17.72 -7.52
CA SER B 15 30.63 -18.92 -7.77
C SER B 15 30.96 -19.69 -6.50
N VAL B 16 30.43 -19.28 -5.34
CA VAL B 16 30.67 -19.88 -4.02
C VAL B 16 32.08 -19.55 -3.56
N ARG B 17 33.09 -20.13 -4.23
CA ARG B 17 34.48 -19.75 -4.03
C ARG B 17 35.33 -20.36 -5.14
N GLU B 18 36.01 -19.53 -5.96
CA GLU B 18 36.73 -20.09 -7.12
C GLU B 18 37.74 -21.12 -6.71
N SER B 19 38.50 -20.84 -5.62
CA SER B 19 39.58 -21.77 -5.26
C SER B 19 39.02 -23.06 -4.70
N PHE B 20 37.77 -23.02 -4.20
CA PHE B 20 37.12 -24.25 -3.74
C PHE B 20 36.75 -25.12 -4.94
N ASN B 21 36.15 -24.50 -5.96
CA ASN B 21 35.83 -25.30 -7.17
C ASN B 21 37.10 -25.84 -7.81
N ASN B 22 38.17 -25.02 -7.81
CA ASN B 22 39.45 -25.48 -8.39
C ASN B 22 39.98 -26.70 -7.63
N TYR B 23 39.96 -26.63 -6.30
CA TYR B 23 40.40 -27.76 -5.48
C TYR B 23 39.53 -29.01 -5.68
N LEU B 24 38.20 -28.82 -5.64
CA LEU B 24 37.29 -29.97 -5.63
C LEU B 24 37.34 -30.71 -6.94
N GLU B 25 37.48 -29.98 -8.05
CA GLU B 25 37.54 -30.64 -9.34
C GLU B 25 38.94 -31.06 -9.72
N GLY B 26 39.92 -30.82 -8.87
CA GLY B 26 41.31 -31.07 -9.16
C GLY B 26 41.81 -32.40 -8.62
N PRO B 27 43.13 -32.60 -8.68
CA PRO B 27 43.73 -33.91 -8.37
C PRO B 27 43.85 -34.21 -6.90
N ILE B 28 43.61 -33.24 -6.01
CA ILE B 28 43.67 -33.55 -4.58
C ILE B 28 42.40 -34.23 -4.14
N ALA B 29 41.24 -33.64 -4.49
CA ALA B 29 39.95 -34.21 -4.09
C ALA B 29 39.48 -35.28 -5.08
N ASN B 30 39.93 -35.24 -6.33
CA ASN B 30 39.36 -36.14 -7.32
C ASN B 30 40.44 -36.53 -8.30
N GLY B 31 41.59 -37.00 -7.77
CA GLY B 31 42.70 -37.46 -8.63
C GLY B 31 43.07 -38.90 -8.38
N ALA B 32 44.36 -39.20 -8.59
CA ALA B 32 44.82 -40.57 -8.64
C ALA B 32 44.76 -41.31 -7.31
N ALA B 33 44.58 -40.62 -6.19
CA ALA B 33 44.44 -41.36 -4.93
C ALA B 33 43.09 -42.09 -4.82
N TYR B 34 42.11 -41.77 -5.67
CA TYR B 34 40.74 -42.25 -5.50
C TYR B 34 40.29 -43.03 -6.71
N LYS B 35 39.69 -44.21 -6.45
CA LYS B 35 39.22 -45.06 -7.54
C LYS B 35 37.99 -44.46 -8.19
N TYR B 36 37.10 -43.87 -7.40
CA TYR B 36 35.86 -43.27 -7.85
C TYR B 36 35.95 -41.76 -7.70
N HIS B 37 35.52 -41.04 -8.72
CA HIS B 37 35.59 -39.58 -8.71
C HIS B 37 34.21 -38.97 -8.68
N GLY B 38 34.11 -37.81 -8.02
CA GLY B 38 32.90 -37.04 -7.99
C GLY B 38 33.05 -35.81 -8.85
N GLY B 39 32.61 -34.67 -8.36
CA GLY B 39 32.66 -33.46 -9.16
C GLY B 39 31.51 -32.57 -8.73
N ILE B 40 31.01 -31.78 -9.68
CA ILE B 40 29.97 -30.77 -9.38
C ILE B 40 28.75 -31.08 -10.22
N GLU B 41 27.57 -31.15 -9.59
CA GLU B 41 26.30 -31.33 -10.30
C GLU B 41 25.36 -30.21 -9.88
N VAL B 42 24.69 -29.56 -10.86
CA VAL B 42 23.78 -28.47 -10.54
C VAL B 42 22.34 -28.91 -10.86
N ARG B 43 21.36 -28.23 -10.23
CA ARG B 43 19.97 -28.62 -10.42
C ARG B 43 19.05 -27.42 -10.17
N ASP B 44 17.78 -27.62 -10.54
CA ASP B 44 16.68 -26.75 -10.13
C ASP B 44 16.89 -25.31 -10.60
N GLY B 45 17.42 -25.17 -11.83
CA GLY B 45 17.49 -23.85 -12.41
C GLY B 45 18.86 -23.18 -12.33
N VAL B 46 19.79 -23.73 -11.57
CA VAL B 46 21.17 -23.23 -11.64
C VAL B 46 21.72 -23.47 -13.04
N GLU B 47 22.41 -22.46 -13.57
CA GLU B 47 23.18 -22.65 -14.79
C GLU B 47 24.66 -22.53 -14.45
N THR B 48 25.49 -23.32 -15.12
CA THR B 48 26.91 -23.22 -14.79
C THR B 48 27.70 -23.24 -16.08
N THR B 49 28.84 -22.59 -16.06
CA THR B 49 29.80 -22.63 -17.19
C THR B 49 31.20 -22.68 -16.63
N GLY B 50 32.13 -23.22 -17.42
CA GLY B 50 33.50 -23.31 -16.93
C GLY B 50 33.72 -24.45 -15.95
N THR B 51 35.01 -24.66 -15.62
CA THR B 51 35.38 -25.61 -14.56
C THR B 51 36.48 -24.98 -13.71
N LYS B 52 36.67 -25.55 -12.52
CA LYS B 52 37.78 -25.16 -11.60
C LYS B 52 37.66 -23.67 -11.33
N SER B 53 38.77 -22.92 -11.36
CA SER B 53 38.71 -21.50 -10.97
C SER B 53 37.89 -20.67 -11.94
N ALA B 54 37.60 -21.21 -13.14
CA ALA B 54 36.78 -20.47 -14.09
C ALA B 54 35.31 -20.77 -13.99
N ARG B 55 34.91 -21.71 -13.12
CA ARG B 55 33.51 -22.07 -13.05
C ARG B 55 32.69 -20.93 -12.46
N GLU B 56 31.53 -20.71 -13.07
CA GLU B 56 30.56 -19.72 -12.56
C GLU B 56 29.22 -20.41 -12.35
N PHE B 57 28.40 -19.87 -11.41
CA PHE B 57 27.04 -20.36 -11.26
C PHE B 57 26.10 -19.18 -11.34
N THR B 58 24.99 -19.32 -12.05
CA THR B 58 23.88 -18.36 -11.85
C THR B 58 22.74 -19.07 -11.15
N TRP B 59 22.13 -18.39 -10.20
CA TRP B 59 21.06 -18.93 -9.43
C TRP B 59 19.78 -18.18 -9.79
N PRO B 60 18.67 -18.89 -10.06
CA PRO B 60 17.45 -18.20 -10.45
C PRO B 60 16.77 -17.47 -9.30
N VAL B 61 16.27 -16.22 -9.56
CA VAL B 61 15.47 -15.48 -8.58
C VAL B 61 14.05 -16.02 -8.57
N LEU B 62 13.57 -16.43 -7.40
CA LEU B 62 12.17 -16.84 -7.30
C LEU B 62 11.24 -15.66 -7.01
N GLY B 63 11.71 -14.66 -6.28
CA GLY B 63 10.91 -13.51 -5.93
C GLY B 63 11.57 -12.76 -4.78
N SER B 64 10.89 -11.70 -4.33
CA SER B 64 11.37 -10.90 -3.21
C SER B 64 10.27 -10.74 -2.17
N GLU B 65 10.70 -10.45 -0.95
CA GLU B 65 9.85 -9.94 0.11
C GLU B 65 10.51 -8.71 0.70
N GLU B 66 9.85 -8.08 1.66
CA GLU B 66 10.54 -6.99 2.33
C GLU B 66 11.87 -7.49 2.93
N GLY B 67 12.97 -6.89 2.50
CA GLY B 67 14.27 -7.23 3.03
C GLY B 67 14.84 -8.57 2.60
N ALA B 68 14.30 -9.19 1.54
CA ALA B 68 14.95 -10.44 1.10
C ALA B 68 14.74 -10.75 -0.36
N VAL B 69 15.78 -11.29 -1.02
CA VAL B 69 15.63 -11.84 -2.38
C VAL B 69 15.79 -13.34 -2.25
N LYS B 70 14.77 -14.08 -2.70
CA LYS B 70 14.72 -15.53 -2.54
C LYS B 70 15.22 -16.12 -3.85
N LEU B 71 16.23 -17.01 -3.78
CA LEU B 71 16.73 -17.70 -4.97
C LEU B 71 16.42 -19.19 -4.89
N GLY B 72 16.34 -19.84 -6.05
CA GLY B 72 16.20 -21.28 -6.10
C GLY B 72 17.50 -21.91 -6.53
N GLY B 73 17.45 -23.23 -6.70
CA GLY B 73 18.61 -23.88 -7.31
C GLY B 73 19.41 -24.70 -6.29
N GLY B 74 20.20 -25.64 -6.79
CA GLY B 74 21.02 -26.47 -5.91
C GLY B 74 22.34 -26.77 -6.59
N VAL B 75 23.41 -26.91 -5.79
CA VAL B 75 24.73 -27.35 -6.29
C VAL B 75 25.25 -28.40 -5.33
N HIS B 76 25.79 -29.49 -5.88
CA HIS B 76 26.30 -30.62 -5.09
C HIS B 76 27.77 -30.84 -5.47
N TRP B 77 28.68 -30.85 -4.48
CA TRP B 77 30.10 -31.15 -4.69
C TRP B 77 30.45 -32.48 -4.02
N THR B 78 31.25 -33.31 -4.70
CA THR B 78 31.65 -34.60 -4.10
C THR B 78 33.12 -34.85 -4.39
N GLY B 79 33.86 -35.27 -3.37
CA GLY B 79 35.25 -35.66 -3.57
C GLY B 79 35.73 -36.58 -2.45
N HIS B 80 37.00 -36.97 -2.55
CA HIS B 80 37.66 -37.82 -1.56
C HIS B 80 36.84 -39.10 -1.30
N ASN B 81 36.60 -39.86 -2.36
CA ASN B 81 35.80 -41.08 -2.20
C ASN B 81 36.60 -42.18 -1.52
N HIS B 82 36.09 -42.63 -0.38
CA HIS B 82 36.75 -43.61 0.48
C HIS B 82 36.57 -45.05 0.02
N TYR B 83 35.74 -45.33 -1.00
CA TYR B 83 35.41 -46.70 -1.37
C TYR B 83 36.28 -47.18 -2.54
N SER B 84 36.86 -48.38 -2.43
CA SER B 84 37.77 -48.87 -3.48
C SER B 84 37.37 -50.25 -3.98
N GLY B 85 36.18 -50.74 -3.63
CA GLY B 85 35.65 -51.99 -4.12
C GLY B 85 35.21 -51.86 -5.57
N ASP B 86 34.57 -52.93 -6.05
CA ASP B 86 34.20 -53.03 -7.46
C ASP B 86 32.73 -52.77 -7.70
N ASP B 87 31.98 -52.39 -6.65
CA ASP B 87 30.55 -52.16 -6.77
C ASP B 87 30.29 -50.66 -6.94
N GLU B 88 30.10 -50.22 -8.17
CA GLU B 88 30.02 -48.79 -8.39
C GLU B 88 28.80 -48.17 -7.72
N SER B 89 27.77 -48.97 -7.41
CA SER B 89 26.60 -48.43 -6.74
C SER B 89 26.89 -48.02 -5.28
N GLN B 90 28.00 -48.47 -4.70
N GLN B 90 28.02 -48.45 -4.71
CA GLN B 90 28.44 -48.02 -3.37
CA GLN B 90 28.41 -48.00 -3.38
C GLN B 90 29.14 -46.66 -3.37
C GLN B 90 29.09 -46.64 -3.38
N ALA B 91 29.68 -46.22 -4.51
CA ALA B 91 30.48 -45.00 -4.50
C ALA B 91 29.70 -43.77 -4.05
N PRO B 92 28.41 -43.61 -4.40
CA PRO B 92 27.75 -42.35 -4.01
C PRO B 92 27.63 -42.17 -2.53
N ASP B 93 27.72 -43.23 -1.75
CA ASP B 93 27.59 -43.18 -0.31
C ASP B 93 28.92 -43.01 0.41
N ASN B 94 30.03 -42.82 -0.34
CA ASN B 94 31.34 -42.91 0.28
C ASN B 94 32.23 -41.72 -0.02
N PHE B 95 31.66 -40.58 -0.44
CA PHE B 95 32.48 -39.37 -0.61
C PHE B 95 32.72 -38.74 0.77
N ILE B 96 33.98 -38.63 1.17
CA ILE B 96 34.26 -37.98 2.46
C ILE B 96 33.86 -36.52 2.42
N LEU B 97 34.08 -35.83 1.30
CA LEU B 97 33.62 -34.45 1.09
C LEU B 97 32.34 -34.60 0.29
N ASP B 98 31.22 -34.20 0.87
CA ASP B 98 29.92 -34.33 0.18
C ASP B 98 29.08 -33.14 0.67
N LEU B 99 29.00 -32.12 -0.16
CA LEU B 99 28.46 -30.80 0.22
C LEU B 99 27.36 -30.38 -0.73
N ASP B 100 26.26 -29.88 -0.19
CA ASP B 100 25.17 -29.42 -1.06
C ASP B 100 24.66 -28.10 -0.54
N PHE B 101 24.52 -27.09 -1.43
CA PHE B 101 23.91 -25.82 -1.09
C PHE B 101 22.68 -25.67 -1.97
N SER B 102 21.57 -25.21 -1.38
CA SER B 102 20.38 -25.00 -2.22
C SER B 102 19.53 -23.90 -1.63
N ASN B 103 18.68 -23.34 -2.50
CA ASN B 103 17.74 -22.28 -2.14
C ASN B 103 18.35 -21.11 -1.37
N PRO B 104 19.35 -20.47 -1.90
CA PRO B 104 19.97 -19.38 -1.15
C PRO B 104 18.99 -18.21 -1.04
N THR B 105 19.07 -17.50 0.08
CA THR B 105 18.27 -16.28 0.27
C THR B 105 19.23 -15.13 0.58
N VAL B 106 19.04 -13.98 -0.07
CA VAL B 106 19.86 -12.80 0.26
C VAL B 106 18.99 -11.89 1.10
N LYS B 107 19.22 -11.86 2.43
CA LYS B 107 18.56 -10.90 3.30
C LYS B 107 19.34 -9.61 3.18
N PHE B 108 18.63 -8.46 3.22
CA PHE B 108 19.38 -7.21 3.11
C PHE B 108 18.74 -6.13 3.97
N ASP B 109 19.57 -5.17 4.32
CA ASP B 109 19.13 -3.97 5.05
C ASP B 109 20.08 -2.89 4.58
N GLY B 110 19.64 -2.04 3.66
CA GLY B 110 20.54 -1.04 3.12
C GLY B 110 21.63 -1.73 2.31
N ASN B 111 22.88 -1.38 2.61
CA ASN B 111 24.00 -2.00 1.89
C ASN B 111 24.60 -3.17 2.63
N GLU B 112 23.93 -3.71 3.66
CA GLU B 112 24.42 -4.90 4.36
C GLU B 112 23.47 -6.06 4.09
N GLY B 113 24.01 -7.28 4.15
CA GLY B 113 23.10 -8.40 3.96
C GLY B 113 23.67 -9.66 4.58
N THR B 114 22.90 -10.73 4.45
CA THR B 114 23.25 -12.05 4.99
C THR B 114 22.86 -13.05 3.89
N LEU B 115 23.74 -13.99 3.62
CA LEU B 115 23.41 -15.07 2.67
C LEU B 115 22.98 -16.31 3.43
N LEU B 116 21.69 -16.68 3.33
CA LEU B 116 21.15 -17.89 3.95
C LEU B 116 21.15 -19.01 2.93
N VAL B 117 21.40 -20.25 3.39
N VAL B 117 21.36 -20.25 3.40
CA VAL B 117 21.36 -21.37 2.44
CA VAL B 117 21.42 -21.38 2.46
C VAL B 117 20.85 -22.60 3.15
C VAL B 117 20.88 -22.62 3.16
N ASP B 118 20.24 -23.49 2.38
CA ASP B 118 19.97 -24.83 2.85
C ASP B 118 21.22 -25.64 2.59
N PHE B 119 21.76 -26.30 3.61
CA PHE B 119 23.03 -27.03 3.41
C PHE B 119 22.94 -28.45 3.95
N LYS B 120 23.73 -29.32 3.33
CA LYS B 120 23.89 -30.69 3.80
C LYS B 120 25.36 -30.97 3.50
N SER B 121 26.17 -31.14 4.55
CA SER B 121 27.62 -31.30 4.33
C SER B 121 28.18 -32.32 5.31
N ARG B 122 28.96 -33.29 4.85
CA ARG B 122 29.57 -34.16 5.84
C ARG B 122 30.58 -33.37 6.67
N GLU B 123 30.53 -33.61 7.99
CA GLU B 123 31.55 -33.08 8.89
C GLU B 123 32.93 -33.56 8.48
N PHE B 124 33.95 -32.67 8.61
CA PHE B 124 35.32 -33.17 8.51
C PHE B 124 35.73 -33.75 9.84
N VAL B 125 35.98 -35.04 9.89
CA VAL B 125 36.50 -35.71 11.09
C VAL B 125 37.98 -36.05 10.92
N ASP B 126 38.31 -36.85 9.90
CA ASP B 126 39.69 -37.07 9.51
C ASP B 126 39.65 -37.62 8.09
N THR B 127 40.82 -37.92 7.54
CA THR B 127 40.89 -38.28 6.13
C THR B 127 40.51 -39.72 5.84
N LYS B 128 40.10 -40.52 6.85
CA LYS B 128 39.72 -41.90 6.66
C LYS B 128 38.30 -42.18 7.16
N THR B 129 37.49 -41.15 7.30
CA THR B 129 36.15 -41.28 7.87
C THR B 129 35.14 -40.65 6.93
N VAL B 130 34.08 -41.39 6.59
CA VAL B 130 32.93 -40.85 5.85
C VAL B 130 31.94 -40.41 6.94
N ALA B 131 32.04 -39.15 7.33
CA ALA B 131 31.28 -38.75 8.52
C ALA B 131 29.81 -38.40 8.22
N ASP B 132 29.00 -38.36 9.27
CA ASP B 132 27.60 -38.00 9.09
C ASP B 132 27.40 -36.56 8.60
N PHE B 133 26.32 -36.36 7.86
CA PHE B 133 25.98 -35.02 7.37
C PHE B 133 25.57 -34.06 8.50
N LEU B 134 26.15 -32.85 8.43
CA LEU B 134 25.62 -31.67 9.11
C LEU B 134 24.55 -31.06 8.20
N THR B 135 23.44 -30.60 8.78
CA THR B 135 22.42 -30.01 7.92
C THR B 135 21.90 -28.73 8.56
N GLY B 136 21.38 -27.86 7.70
CA GLY B 136 20.70 -26.66 8.18
C GLY B 136 19.74 -26.14 7.13
N THR B 137 18.62 -25.57 7.57
CA THR B 137 17.68 -24.92 6.65
C THR B 137 17.78 -23.41 6.80
N GLN B 138 18.04 -22.72 5.67
CA GLN B 138 18.20 -21.24 5.65
C GLN B 138 19.18 -20.78 6.71
N ALA B 139 20.31 -21.49 6.77
CA ALA B 139 21.35 -21.18 7.76
C ALA B 139 22.19 -20.01 7.25
N GLU B 140 22.73 -19.21 8.21
CA GLU B 140 23.55 -18.06 7.80
C GLU B 140 24.95 -18.53 7.42
N LEU B 141 25.24 -18.52 6.11
CA LEU B 141 26.53 -18.97 5.61
C LEU B 141 27.52 -17.82 5.54
N ALA B 142 27.05 -16.62 5.17
CA ALA B 142 27.98 -15.53 4.99
C ALA B 142 27.32 -14.21 5.25
N THR B 143 28.14 -13.22 5.66
CA THR B 143 27.65 -11.83 5.71
C THR B 143 28.04 -11.15 4.42
N ILE B 144 27.31 -10.06 4.08
CA ILE B 144 27.50 -9.42 2.78
C ILE B 144 27.61 -7.92 2.97
N THR B 145 28.52 -7.29 2.23
N THR B 145 28.50 -7.27 2.20
CA THR B 145 28.50 -5.84 2.10
CA THR B 145 28.51 -5.82 2.12
C THR B 145 28.31 -5.52 0.63
C THR B 145 28.38 -5.41 0.65
N PHE B 146 27.29 -4.73 0.33
CA PHE B 146 27.00 -4.37 -1.06
C PHE B 146 27.62 -3.04 -1.46
N ASP B 147 27.80 -2.85 -2.78
CA ASP B 147 28.39 -1.60 -3.26
C ASP B 147 27.41 -0.45 -3.34
N GLU B 148 26.14 -0.69 -3.00
CA GLU B 148 25.14 0.35 -2.88
C GLU B 148 23.96 -0.26 -2.13
N PRO B 149 23.15 0.55 -1.47
CA PRO B 149 21.97 0.01 -0.80
C PRO B 149 21.04 -0.68 -1.79
N ILE B 150 20.45 -1.79 -1.33
N ILE B 150 20.39 -1.76 -1.36
CA ILE B 150 19.44 -2.49 -2.12
CA ILE B 150 19.51 -2.50 -2.27
C ILE B 150 18.15 -1.69 -2.08
C ILE B 150 18.08 -1.94 -2.16
N ASP B 151 17.61 -1.39 -3.26
CA ASP B 151 16.36 -0.65 -3.37
C ASP B 151 15.49 -1.39 -4.37
N LEU B 152 14.51 -2.18 -3.88
CA LEU B 152 13.73 -2.99 -4.80
C LEU B 152 12.59 -2.17 -5.41
N THR B 153 12.52 -0.89 -5.12
CA THR B 153 11.58 -0.10 -5.92
C THR B 153 12.19 0.36 -7.23
N GLN B 154 13.48 0.17 -7.42
CA GLN B 154 14.09 0.50 -8.71
C GLN B 154 13.85 -0.63 -9.70
N GLU B 155 13.46 -0.25 -10.92
CA GLU B 155 13.09 -1.27 -11.88
C GLU B 155 14.24 -2.18 -12.25
N ASN B 156 15.45 -1.64 -12.43
CA ASN B 156 16.56 -2.51 -12.81
C ASN B 156 17.68 -2.31 -11.80
N VAL B 157 18.16 -3.41 -11.23
CA VAL B 157 19.15 -3.37 -10.18
C VAL B 157 20.29 -4.31 -10.61
N THR B 158 21.54 -3.79 -10.59
CA THR B 158 22.70 -4.68 -10.74
C THR B 158 23.61 -4.22 -9.63
N VAL B 159 23.77 -5.06 -8.61
N VAL B 159 23.79 -5.06 -8.59
CA VAL B 159 24.60 -4.69 -7.48
CA VAL B 159 24.55 -4.66 -7.43
C VAL B 159 25.47 -5.89 -7.17
C VAL B 159 25.38 -5.86 -7.00
N THR B 160 26.65 -5.63 -6.60
CA THR B 160 27.54 -6.71 -6.19
C THR B 160 27.90 -6.53 -4.73
N GLY B 161 27.94 -7.64 -4.01
CA GLY B 161 28.35 -7.63 -2.61
C GLY B 161 29.51 -8.59 -2.34
N GLN B 162 30.36 -8.18 -1.41
CA GLN B 162 31.50 -9.02 -0.96
C GLN B 162 30.96 -9.87 0.18
N THR B 163 31.39 -11.12 0.23
CA THR B 163 30.85 -12.10 1.19
C THR B 163 31.97 -12.57 2.12
N LYS B 164 31.59 -12.84 3.39
CA LYS B 164 32.56 -13.38 4.37
C LYS B 164 31.89 -14.49 5.16
N LEU B 165 32.61 -15.60 5.35
CA LEU B 165 32.07 -16.81 5.98
C LEU B 165 31.73 -16.52 7.44
N THR B 166 30.58 -17.03 7.88
CA THR B 166 30.20 -16.94 9.28
C THR B 166 30.81 -18.08 10.10
N ALA B 167 30.66 -17.95 11.45
CA ALA B 167 31.01 -19.09 12.30
C ALA B 167 30.24 -20.35 11.93
N THR B 168 28.97 -20.22 11.56
CA THR B 168 28.19 -21.39 11.12
C THR B 168 28.83 -22.01 9.87
N GLY B 169 29.22 -21.14 8.96
CA GLY B 169 29.80 -21.60 7.68
C GLY B 169 31.13 -22.31 7.88
N VAL B 170 31.85 -22.00 8.96
CA VAL B 170 33.14 -22.64 9.20
C VAL B 170 32.98 -24.16 9.24
N ASP B 171 31.99 -24.66 9.98
CA ASP B 171 31.82 -26.10 10.06
C ASP B 171 31.26 -26.70 8.78
N VAL B 172 30.46 -25.93 8.01
CA VAL B 172 29.98 -26.43 6.72
C VAL B 172 31.11 -26.76 5.78
N MET B 173 32.16 -25.94 5.80
CA MET B 173 33.30 -26.08 4.91
C MET B 173 34.48 -26.85 5.53
N GLY B 174 34.19 -27.78 6.46
CA GLY B 174 35.23 -28.72 6.90
C GLY B 174 36.23 -28.14 7.88
N THR B 175 35.98 -26.91 8.34
CA THR B 175 36.89 -26.09 9.15
C THR B 175 38.14 -25.67 8.40
N PHE B 176 38.17 -25.83 7.07
CA PHE B 176 39.34 -25.43 6.33
C PHE B 176 39.46 -23.91 6.14
N TYR B 177 38.36 -23.16 6.28
CA TYR B 177 38.40 -21.71 6.23
C TYR B 177 38.15 -21.16 7.63
N PRO B 178 38.81 -20.08 8.01
CA PRO B 178 38.50 -19.39 9.25
C PRO B 178 37.24 -18.57 9.14
N GLU B 179 36.64 -18.31 10.33
CA GLU B 179 35.56 -17.35 10.36
C GLU B 179 36.03 -16.03 9.75
N GLY B 180 35.16 -15.41 8.96
CA GLY B 180 35.46 -14.16 8.25
C GLY B 180 36.17 -14.36 6.91
N GLU B 181 36.43 -15.60 6.51
CA GLU B 181 37.10 -15.85 5.21
C GLU B 181 36.25 -15.30 4.06
N ALA B 182 36.91 -14.61 3.11
CA ALA B 182 36.14 -14.06 1.98
C ALA B 182 35.67 -15.22 1.13
N LEU B 183 34.45 -15.14 0.65
CA LEU B 183 33.98 -16.14 -0.33
C LEU B 183 33.81 -15.40 -1.66
N ALA B 184 33.22 -16.07 -2.63
CA ALA B 184 33.04 -15.42 -3.92
C ALA B 184 32.06 -14.26 -3.76
N PRO B 185 32.22 -13.20 -4.51
CA PRO B 185 31.24 -12.11 -4.46
C PRO B 185 29.93 -12.53 -5.10
N ILE B 186 28.82 -11.87 -4.69
CA ILE B 186 27.51 -12.20 -5.24
C ILE B 186 27.00 -10.98 -5.99
N THR B 187 26.52 -11.19 -7.23
CA THR B 187 25.94 -10.07 -8.00
C THR B 187 24.47 -10.35 -8.18
N LEU B 188 23.62 -9.41 -7.84
CA LEU B 188 22.18 -9.53 -8.04
C LEU B 188 21.83 -8.78 -9.31
N ASN B 189 21.21 -9.49 -10.28
CA ASN B 189 20.77 -8.91 -11.55
C ASN B 189 19.25 -8.97 -11.49
N LEU B 190 18.58 -7.90 -11.07
CA LEU B 190 17.17 -8.01 -10.69
C LEU B 190 16.36 -7.10 -11.60
N THR B 191 15.12 -7.53 -11.92
CA THR B 191 14.10 -6.64 -12.43
C THR B 191 12.98 -6.60 -11.42
N ASN B 192 12.54 -5.40 -11.01
CA ASN B 192 11.50 -5.26 -9.99
C ASN B 192 10.32 -4.56 -10.61
N GLU B 193 9.19 -5.26 -10.70
CA GLU B 193 7.98 -4.64 -11.21
C GLU B 193 7.08 -4.29 -10.03
N VAL B 194 6.83 -3.00 -9.84
CA VAL B 194 6.08 -2.48 -8.69
C VAL B 194 4.74 -2.01 -9.21
N VAL B 195 3.66 -2.51 -8.62
CA VAL B 195 2.31 -2.18 -9.05
CA VAL B 195 2.33 -2.13 -9.05
C VAL B 195 1.50 -1.83 -7.82
N LEU B 196 0.69 -0.79 -7.91
CA LEU B 196 -0.30 -0.47 -6.89
C LEU B 196 -1.64 -1.01 -7.35
N GLU B 197 -2.33 -1.71 -6.45
CA GLU B 197 -3.62 -2.33 -6.74
C GLU B 197 -4.63 -1.93 -5.68
N HIS B 198 -5.91 -1.89 -6.07
CA HIS B 198 -7.02 -1.68 -5.13
C HIS B 198 -7.82 -2.93 -4.84
#